data_7FN2
#
_entry.id   7FN2
#
_cell.length_a   88.731
_cell.length_b   81.836
_cell.length_c   93.037
_cell.angle_alpha   90
_cell.angle_beta   108.13
_cell.angle_gamma   90
#
_symmetry.space_group_name_H-M   'C 1 2 1'
#
loop_
_entity.id
_entity.type
_entity.pdbx_description
1 polymer 'Pre-mRNA-splicing factor 8'
2 polymer 'A1 cistron-splicing factor AAR2'
3 non-polymer 1-[2-(morpholin-4-yl)pyridin-4-yl]methanamine
4 water water
#
loop_
_entity_poly.entity_id
_entity_poly.type
_entity_poly.pdbx_seq_one_letter_code
_entity_poly.pdbx_strand_id
1 'polypeptide(L)'
;GAMNSSNYAELFNNDIKLFVDDTNVYRVTVHKTFEGNVATKAINGCIFTLNPKTGHLFLKIIHTSVWAGQKRLSQLAKWK
TAEEVSALVRSLPKEEQPKQIIVTRKAMLDPLEVHMLDFPNIAIRPTELRLPFSAAMSIDKLSDVVMKATEPQMVLFNIY
DDWLDRISSYTAFSRLTLLLRALKTNEESAKMILLSDPTITIKSYHLWPSFTDEQWITIESQMRDLILTEYGRKYNVNIS
ALTQTEIKDIILGQNIKA
;
A
2 'polypeptide(L)'
;GAMAMNTVPFTSAPIEVTIGIDQYSFNVKENQPFHGIKDIPIGHVHVIHFQHADNSSMRYGYWFDCRMGNFYIQYDPKDG
LYKMMEERDGAKFENIVHNFKERQMMVSYPKIDEDDTWYNLTEFVQMDKIRKIVRKDENQFSYVDSSMTTVQENELSSSS
SDPAHSLNYTVINFKSREAIRPGHEMEDFLDKSYYLNTVMLQGIFKNSSNYFGELQFAFLNAMFFGNYGSSLQWHAMIEL
ICSSATVPKHMLDKLDEILYYQIKTLPEQYSDILLNERVWNICLYSSFQKNSLHNTEKIMENKYPELL
;
B
#
loop_
_chem_comp.id
_chem_comp.type
_chem_comp.name
_chem_comp.formula
VXF non-polymer 1-[2-(morpholin-4-yl)pyridin-4-yl]methanamine 'C10 H15 N3 O'
#
# COMPACT_ATOMS: atom_id res chain seq x y z
N GLY A 1 -10.65 -11.81 -4.37
CA GLY A 1 -10.76 -11.38 -2.99
C GLY A 1 -10.56 -12.49 -1.99
N ALA A 2 -11.10 -12.31 -0.79
CA ALA A 2 -10.94 -13.31 0.25
C ALA A 2 -11.74 -14.56 -0.08
N MET A 3 -11.23 -15.69 0.36
CA MET A 3 -11.89 -16.98 0.21
C MET A 3 -12.71 -17.25 1.47
N ASN A 4 -13.99 -17.61 1.29
CA ASN A 4 -14.90 -17.80 2.42
C ASN A 4 -15.94 -18.85 2.06
N SER A 5 -16.91 -19.05 2.96
CA SER A 5 -17.92 -20.07 2.76
C SER A 5 -18.70 -19.89 1.47
N SER A 6 -18.75 -18.65 0.95
CA SER A 6 -19.59 -18.36 -0.19
C SER A 6 -18.96 -18.80 -1.50
N ASN A 7 -17.64 -18.86 -1.56
CA ASN A 7 -16.92 -19.25 -2.77
C ASN A 7 -16.02 -20.44 -2.47
N TYR A 8 -16.55 -21.44 -1.77
CA TYR A 8 -15.79 -22.58 -1.27
C TYR A 8 -15.54 -23.63 -2.35
N ALA A 9 -16.52 -23.88 -3.20
CA ALA A 9 -16.32 -24.89 -4.21
C ALA A 9 -15.31 -24.48 -5.27
N GLU A 10 -14.83 -23.23 -5.28
CA GLU A 10 -13.80 -22.83 -6.23
C GLU A 10 -12.52 -23.63 -6.05
N LEU A 11 -12.24 -24.06 -4.82
CA LEU A 11 -11.08 -24.88 -4.54
C LEU A 11 -11.03 -26.15 -5.39
N PHE A 12 -12.16 -26.65 -5.85
CA PHE A 12 -12.17 -27.93 -6.53
C PHE A 12 -12.45 -27.82 -8.02
N ASN A 13 -12.40 -26.61 -8.57
CA ASN A 13 -12.46 -26.47 -10.01
C ASN A 13 -11.11 -26.79 -10.65
N ASN A 14 -10.98 -26.53 -11.94
CA ASN A 14 -9.77 -26.95 -12.65
C ASN A 14 -8.73 -25.83 -12.84
N ASP A 15 -8.82 -24.74 -12.08
CA ASP A 15 -7.77 -23.73 -12.00
C ASP A 15 -6.79 -24.17 -10.93
N ILE A 16 -5.52 -24.29 -11.28
CA ILE A 16 -4.55 -24.75 -10.31
C ILE A 16 -4.40 -23.74 -9.18
N LYS A 17 -4.43 -24.23 -7.94
CA LYS A 17 -4.21 -23.33 -6.83
C LYS A 17 -3.52 -24.03 -5.69
N LEU A 18 -2.89 -23.23 -4.85
CA LEU A 18 -2.23 -23.77 -3.68
C LEU A 18 -2.63 -22.96 -2.47
N PHE A 19 -2.93 -23.66 -1.38
CA PHE A 19 -2.89 -23.07 -0.05
C PHE A 19 -1.44 -22.97 0.43
N VAL A 20 -1.08 -21.86 1.05
CA VAL A 20 0.18 -21.77 1.78
C VAL A 20 -0.15 -21.49 3.23
N ASP A 21 0.27 -22.36 4.13
CA ASP A 21 0.22 -22.11 5.58
C ASP A 21 1.62 -21.97 6.18
N ASP A 22 1.90 -20.87 6.91
CA ASP A 22 3.20 -20.62 7.53
C ASP A 22 3.25 -20.82 9.04
N THR A 23 2.18 -21.38 9.64
N THR A 23 2.22 -21.45 9.63
CA THR A 23 2.10 -21.47 11.08
CA THR A 23 2.11 -21.42 11.08
C THR A 23 3.33 -22.16 11.62
C THR A 23 3.12 -22.34 11.71
N ASN A 24 3.77 -23.21 10.94
CA ASN A 24 4.78 -24.12 11.50
C ASN A 24 6.16 -23.88 10.97
N VAL A 25 6.37 -22.72 10.36
CA VAL A 25 7.68 -22.37 9.82
C VAL A 25 8.67 -22.09 10.95
N TYR A 26 8.29 -21.19 11.89
CA TYR A 26 9.20 -20.79 12.98
C TYR A 26 8.63 -21.33 14.29
N ARG A 27 9.30 -22.34 14.83
CA ARG A 27 8.82 -23.08 15.98
C ARG A 27 9.86 -23.03 17.07
N VAL A 28 9.44 -22.72 18.29
CA VAL A 28 10.40 -22.63 19.39
C VAL A 28 9.87 -23.38 20.60
N THR A 29 10.82 -23.75 21.47
CA THR A 29 10.56 -24.10 22.85
C THR A 29 11.09 -22.95 23.72
N VAL A 30 10.32 -22.57 24.72
CA VAL A 30 10.71 -21.52 25.66
C VAL A 30 11.18 -22.20 26.94
N HIS A 31 12.34 -21.78 27.44
CA HIS A 31 12.94 -22.40 28.61
C HIS A 31 13.63 -21.37 29.47
N LYS A 32 13.92 -21.76 30.70
CA LYS A 32 14.72 -20.94 31.60
C LYS A 32 16.23 -21.09 31.40
N THR A 33 16.96 -19.99 31.59
CA THR A 33 18.43 -20.01 31.55
C THR A 33 18.99 -20.27 32.96
N PHE A 34 20.29 -20.59 33.05
CA PHE A 34 20.86 -20.77 34.37
C PHE A 34 20.64 -19.54 35.26
N GLU A 35 20.67 -18.35 34.66
CA GLU A 35 20.50 -17.10 35.39
C GLU A 35 19.05 -16.86 35.75
N GLY A 36 18.16 -17.77 35.35
CA GLY A 36 16.73 -17.58 35.61
C GLY A 36 16.01 -16.69 34.62
N ASN A 37 16.66 -16.31 33.51
CA ASN A 37 15.99 -15.59 32.46
C ASN A 37 15.30 -16.60 31.57
N VAL A 38 14.60 -16.09 30.58
CA VAL A 38 13.93 -16.95 29.63
C VAL A 38 14.59 -16.85 28.27
N ALA A 39 14.63 -17.98 27.59
CA ALA A 39 15.20 -18.05 26.27
C ALA A 39 14.41 -19.01 25.40
N THR A 40 14.50 -18.80 24.10
CA THR A 40 13.88 -19.70 23.14
C THR A 40 14.97 -20.55 22.50
N LYS A 41 14.61 -21.76 22.12
CA LYS A 41 15.46 -22.57 21.26
C LYS A 41 14.62 -22.96 20.06
N ALA A 42 15.06 -22.62 18.87
CA ALA A 42 14.27 -22.97 17.69
C ALA A 42 14.33 -24.47 17.41
N ILE A 43 13.28 -24.98 16.80
CA ILE A 43 13.29 -26.35 16.33
C ILE A 43 12.90 -26.31 14.88
N ASN A 44 13.13 -27.41 14.20
CA ASN A 44 12.82 -27.45 12.78
C ASN A 44 11.38 -27.14 12.51
N GLY A 45 11.12 -26.68 11.30
CA GLY A 45 9.81 -26.20 10.91
C GLY A 45 9.40 -26.52 9.50
N CYS A 46 8.25 -26.06 9.02
CA CYS A 46 7.92 -26.47 7.68
C CYS A 46 6.92 -25.47 7.15
N ILE A 47 6.98 -25.28 5.84
CA ILE A 47 5.96 -24.59 5.06
C ILE A 47 4.98 -25.63 4.55
N PHE A 48 3.67 -25.46 4.76
CA PHE A 48 2.65 -26.41 4.32
C PHE A 48 2.02 -25.74 3.12
N THR A 49 2.33 -26.24 1.92
CA THR A 49 1.82 -25.75 0.62
C THR A 49 1.06 -26.90 -0.01
N LEU A 50 -0.23 -26.72 -0.22
CA LEU A 50 -1.15 -27.83 -0.56
C LEU A 50 -1.99 -27.51 -1.78
N ASN A 51 -2.04 -28.41 -2.77
CA ASN A 51 -3.03 -28.32 -3.83
C ASN A 51 -4.29 -28.99 -3.30
N PRO A 52 -5.40 -28.30 -3.08
CA PRO A 52 -6.58 -28.94 -2.48
C PRO A 52 -7.32 -29.82 -3.44
N LYS A 53 -7.07 -29.68 -4.74
CA LYS A 53 -7.74 -30.51 -5.72
C LYS A 53 -7.07 -31.86 -5.88
N THR A 54 -5.76 -31.89 -5.99
CA THR A 54 -5.00 -33.11 -6.22
C THR A 54 -4.53 -33.78 -4.93
N GLY A 55 -4.38 -33.01 -3.85
CA GLY A 55 -3.82 -33.55 -2.62
C GLY A 55 -2.33 -33.40 -2.53
N HIS A 56 -1.68 -32.94 -3.58
CA HIS A 56 -0.23 -32.79 -3.59
C HIS A 56 0.20 -31.78 -2.56
N LEU A 57 1.08 -32.22 -1.69
CA LEU A 57 1.61 -31.45 -0.57
C LEU A 57 3.10 -31.25 -0.84
N PHE A 58 3.54 -30.00 -0.94
CA PHE A 58 4.95 -29.64 -1.08
C PHE A 58 5.42 -29.19 0.28
N LEU A 59 6.08 -30.07 1.03
CA LEU A 59 6.47 -29.77 2.41
C LEU A 59 7.90 -29.32 2.43
N LYS A 60 8.07 -28.06 2.58
CA LYS A 60 9.39 -27.45 2.62
C LYS A 60 9.87 -27.40 4.07
N ILE A 61 10.86 -28.20 4.36
CA ILE A 61 11.39 -28.24 5.69
C ILE A 61 12.32 -27.06 5.94
N ILE A 62 12.10 -26.44 7.07
CA ILE A 62 12.85 -25.27 7.50
C ILE A 62 13.75 -25.71 8.64
N HIS A 63 15.03 -25.91 8.31
CA HIS A 63 16.05 -26.32 9.26
C HIS A 63 16.48 -25.12 10.11
N THR A 64 16.64 -25.37 11.41
CA THR A 64 17.02 -24.31 12.37
C THR A 64 18.23 -23.50 11.99
N SER A 65 19.12 -23.99 11.12
CA SER A 65 20.25 -23.19 10.72
C SER A 65 19.82 -21.91 9.99
N VAL A 66 18.62 -21.87 9.40
N VAL A 66 18.64 -21.92 9.37
CA VAL A 66 18.21 -20.66 8.66
CA VAL A 66 18.14 -20.72 8.72
C VAL A 66 18.00 -19.47 9.59
C VAL A 66 18.22 -19.51 9.64
N TRP A 67 17.82 -19.69 10.89
CA TRP A 67 17.65 -18.58 11.81
C TRP A 67 18.95 -18.10 12.40
N ALA A 68 20.08 -18.76 12.13
CA ALA A 68 21.28 -18.46 12.89
C ALA A 68 21.73 -17.02 12.63
N GLY A 69 21.92 -16.23 13.68
CA GLY A 69 22.41 -14.87 13.49
C GLY A 69 21.39 -13.89 12.98
N GLN A 70 20.16 -14.33 12.81
CA GLN A 70 19.10 -13.46 12.34
C GLN A 70 18.32 -12.82 13.49
N LYS A 71 17.80 -11.63 13.24
CA LYS A 71 16.95 -10.94 14.19
C LYS A 71 15.50 -10.93 13.71
N ARG A 72 14.58 -10.66 14.63
CA ARG A 72 13.15 -10.52 14.31
C ARG A 72 12.64 -11.74 13.53
N LEU A 73 12.78 -12.92 14.17
CA LEU A 73 12.58 -14.17 13.44
C LEU A 73 11.11 -14.35 13.02
N SER A 74 10.16 -13.85 13.81
CA SER A 74 8.77 -13.97 13.39
C SER A 74 8.53 -13.24 12.07
N GLN A 75 9.08 -12.03 11.91
CA GLN A 75 8.92 -11.32 10.64
C GLN A 75 9.73 -12.01 9.55
N LEU A 76 10.89 -12.52 9.90
CA LEU A 76 11.70 -13.10 8.84
C LEU A 76 11.03 -14.34 8.32
N ALA A 77 10.42 -15.11 9.22
CA ALA A 77 9.72 -16.34 8.85
C ALA A 77 8.75 -16.13 7.70
N LYS A 78 7.95 -15.05 7.76
CA LYS A 78 7.00 -14.76 6.70
C LYS A 78 7.70 -14.54 5.37
N TRP A 79 8.80 -13.77 5.35
CA TRP A 79 9.57 -13.52 4.12
C TRP A 79 10.25 -14.77 3.62
N LYS A 80 10.75 -15.59 4.53
CA LYS A 80 11.36 -16.88 4.17
C LYS A 80 10.32 -17.79 3.53
N THR A 81 9.10 -17.82 4.09
CA THR A 81 8.03 -18.61 3.51
C THR A 81 7.75 -18.15 2.10
N ALA A 82 7.64 -16.82 1.96
CA ALA A 82 7.45 -16.26 0.64
C ALA A 82 8.58 -16.58 -0.33
N GLU A 83 9.84 -16.50 0.14
CA GLU A 83 10.95 -16.81 -0.75
C GLU A 83 10.87 -18.27 -1.24
N GLU A 84 10.54 -19.17 -0.34
CA GLU A 84 10.49 -20.60 -0.68
C GLU A 84 9.30 -20.94 -1.55
N VAL A 85 8.14 -20.33 -1.34
CA VAL A 85 6.97 -20.57 -2.24
C VAL A 85 7.39 -20.07 -3.63
N SER A 86 8.01 -18.90 -3.67
N SER A 86 8.03 -18.91 -3.66
CA SER A 86 8.49 -18.29 -4.94
CA SER A 86 8.47 -18.32 -4.95
C SER A 86 9.44 -19.23 -5.70
C SER A 86 9.46 -19.24 -5.71
N ALA A 87 10.45 -19.88 -4.93
CA ALA A 87 11.31 -20.72 -5.89
C ALA A 87 10.57 -21.98 -6.37
N LEU A 88 9.65 -22.49 -5.55
CA LEU A 88 8.78 -23.66 -5.87
C LEU A 88 8.03 -23.41 -7.17
N VAL A 89 7.43 -22.23 -7.30
CA VAL A 89 6.66 -21.84 -8.50
C VAL A 89 7.63 -21.72 -9.69
N ARG A 90 8.79 -21.12 -9.48
CA ARG A 90 9.81 -20.90 -10.54
C ARG A 90 10.34 -22.23 -11.08
N SER A 91 10.44 -23.25 -10.23
CA SER A 91 10.98 -24.58 -10.60
C SER A 91 9.91 -25.41 -11.29
N LEU A 92 8.64 -25.11 -11.05
CA LEU A 92 7.53 -25.90 -11.61
C LEU A 92 7.39 -25.45 -13.04
N PRO A 93 7.04 -26.35 -14.19
CA PRO A 93 6.71 -25.98 -15.56
C PRO A 93 5.57 -24.96 -15.54
N LYS A 94 5.51 -24.15 -16.60
CA LYS A 94 4.52 -23.07 -16.67
C LYS A 94 3.12 -23.62 -16.52
N GLU A 95 2.82 -24.74 -17.19
CA GLU A 95 1.50 -25.34 -17.12
C GLU A 95 1.19 -25.94 -15.75
N GLU A 96 2.17 -26.10 -14.86
CA GLU A 96 1.85 -26.54 -13.49
C GLU A 96 1.81 -25.39 -12.50
N GLN A 97 2.37 -24.27 -12.88
CA GLN A 97 2.43 -23.14 -11.96
C GLN A 97 0.98 -22.81 -11.63
N PRO A 98 0.56 -22.42 -10.24
CA PRO A 98 -0.79 -22.06 -9.76
C PRO A 98 -1.26 -20.77 -10.38
N LYS A 99 -2.57 -20.66 -10.59
N LYS A 99 -2.56 -20.65 -10.59
CA LYS A 99 -3.19 -19.39 -10.98
CA LYS A 99 -3.15 -19.38 -10.98
C LYS A 99 -3.55 -18.53 -9.79
C LYS A 99 -3.53 -18.53 -9.78
N GLN A 100 -3.74 -19.15 -8.63
CA GLN A 100 -3.96 -18.45 -7.38
C GLN A 100 -3.15 -19.13 -6.28
N ILE A 101 -2.65 -18.31 -5.34
CA ILE A 101 -2.13 -18.78 -4.06
C ILE A 101 -2.96 -18.16 -2.96
N ILE A 102 -3.49 -19.00 -2.09
CA ILE A 102 -4.32 -18.60 -0.98
C ILE A 102 -3.53 -18.77 0.31
N VAL A 103 -3.32 -17.70 1.04
CA VAL A 103 -2.56 -17.78 2.28
C VAL A 103 -3.57 -17.93 3.42
N THR A 104 -3.22 -18.76 4.41
CA THR A 104 -4.09 -18.90 5.56
C THR A 104 -3.97 -17.76 6.56
N ARG A 105 -2.95 -16.90 6.47
CA ARG A 105 -2.83 -15.76 7.41
C ARG A 105 -2.55 -14.47 6.65
N LYS A 106 -3.28 -13.39 6.94
CA LYS A 106 -3.13 -12.17 6.13
C LYS A 106 -1.72 -11.56 6.16
N ALA A 107 -0.93 -11.85 7.20
CA ALA A 107 0.42 -11.27 7.26
C ALA A 107 1.33 -11.82 6.17
N MET A 108 0.93 -12.91 5.49
CA MET A 108 1.71 -13.44 4.38
C MET A 108 1.41 -12.73 3.06
N LEU A 109 0.41 -11.85 3.01
CA LEU A 109 0.06 -11.29 1.71
C LEU A 109 1.21 -10.43 1.17
N ASP A 110 1.65 -9.44 1.94
CA ASP A 110 2.66 -8.52 1.46
C ASP A 110 3.95 -9.25 1.20
N PRO A 111 4.45 -10.10 2.07
CA PRO A 111 5.64 -10.86 1.67
C PRO A 111 5.49 -11.64 0.35
N LEU A 112 4.37 -12.36 0.18
CA LEU A 112 4.23 -13.20 -1.01
C LEU A 112 4.09 -12.34 -2.25
N GLU A 113 3.48 -11.15 -2.10
CA GLU A 113 3.25 -10.19 -3.21
C GLU A 113 4.54 -9.61 -3.79
N VAL A 114 5.49 -9.24 -2.94
CA VAL A 114 6.80 -8.69 -3.39
C VAL A 114 7.63 -9.76 -4.08
N HIS A 115 7.67 -10.96 -3.50
CA HIS A 115 8.43 -12.14 -4.00
C HIS A 115 7.93 -12.56 -5.38
N MET A 116 6.63 -12.38 -5.63
CA MET A 116 5.96 -12.75 -6.89
C MET A 116 5.49 -11.53 -7.67
N LEU A 117 6.15 -10.37 -7.58
CA LEU A 117 5.74 -9.13 -8.34
C LEU A 117 5.96 -9.30 -9.85
N ASP A 118 6.88 -10.18 -10.26
CA ASP A 118 7.23 -10.54 -11.67
C ASP A 118 6.42 -11.73 -12.17
N PHE A 119 5.45 -12.19 -11.37
CA PHE A 119 4.40 -13.17 -11.68
C PHE A 119 3.08 -12.44 -11.44
N PRO A 120 2.59 -11.31 -12.33
CA PRO A 120 1.38 -10.48 -12.16
C PRO A 120 0.10 -11.25 -12.38
N ASN A 121 0.17 -12.39 -13.08
CA ASN A 121 -1.00 -13.19 -13.37
C ASN A 121 -1.18 -14.38 -12.41
N ILE A 122 -0.50 -14.38 -11.25
CA ILE A 122 -0.85 -15.25 -10.11
C ILE A 122 -1.50 -14.40 -9.03
N ALA A 123 -2.77 -14.67 -8.72
CA ALA A 123 -3.49 -13.92 -7.69
C ALA A 123 -3.12 -14.44 -6.31
N ILE A 124 -2.71 -13.54 -5.41
CA ILE A 124 -2.44 -13.88 -4.02
C ILE A 124 -3.67 -13.47 -3.22
N ARG A 125 -4.32 -14.42 -2.52
CA ARG A 125 -5.59 -14.22 -1.82
C ARG A 125 -5.48 -14.60 -0.35
N PRO A 126 -6.10 -13.86 0.51
CA PRO A 126 -6.38 -14.35 1.86
C PRO A 126 -7.61 -15.24 1.94
N THR A 127 -7.98 -15.67 3.16
CA THR A 127 -9.23 -16.39 3.37
C THR A 127 -9.80 -16.05 4.74
N GLU A 128 -11.13 -16.06 4.81
N GLU A 128 -11.13 -16.05 4.83
CA GLU A 128 -11.88 -15.91 6.05
CA GLU A 128 -11.80 -15.90 6.11
C GLU A 128 -12.03 -17.23 6.79
C GLU A 128 -11.97 -17.23 6.84
N LEU A 129 -11.67 -18.33 6.18
CA LEU A 129 -11.77 -19.62 6.83
C LEU A 129 -10.65 -19.82 7.84
N ARG A 130 -10.99 -20.48 8.94
CA ARG A 130 -10.04 -20.78 10.00
C ARG A 130 -9.53 -22.22 9.86
N LEU A 131 -8.82 -22.48 8.75
CA LEU A 131 -8.47 -23.84 8.39
C LEU A 131 -7.46 -24.42 9.39
N PRO A 132 -7.52 -25.71 9.66
CA PRO A 132 -6.69 -26.32 10.73
C PRO A 132 -5.32 -26.83 10.28
N PHE A 133 -4.69 -26.18 9.29
CA PHE A 133 -3.44 -26.72 8.78
C PHE A 133 -2.31 -26.68 9.78
N SER A 134 -2.37 -25.86 10.83
CA SER A 134 -1.31 -25.92 11.85
C SER A 134 -1.16 -27.32 12.43
N ALA A 135 -2.23 -28.11 12.42
CA ALA A 135 -2.20 -29.45 12.98
C ALA A 135 -1.43 -30.43 12.09
N ALA A 136 -0.87 -29.96 10.97
CA ALA A 136 -0.15 -30.86 10.07
C ALA A 136 0.98 -31.58 10.79
N MET A 137 1.56 -30.93 11.80
CA MET A 137 2.64 -31.58 12.55
C MET A 137 2.14 -32.61 13.56
N SER A 138 0.83 -32.86 13.58
CA SER A 138 0.29 -33.98 14.35
C SER A 138 0.15 -35.24 13.52
N ILE A 139 0.44 -35.18 12.23
CA ILE A 139 0.49 -36.36 11.37
C ILE A 139 1.90 -36.95 11.52
N ASP A 140 1.98 -38.17 12.05
CA ASP A 140 3.25 -38.65 12.58
C ASP A 140 4.34 -38.64 11.51
N LYS A 141 4.00 -39.05 10.31
CA LYS A 141 5.04 -39.16 9.29
C LYS A 141 5.56 -37.79 8.84
N LEU A 142 4.70 -36.76 8.83
CA LEU A 142 5.19 -35.41 8.53
C LEU A 142 6.02 -34.86 9.69
N SER A 143 5.57 -35.07 10.91
CA SER A 143 6.37 -34.62 12.05
C SER A 143 7.76 -35.27 12.00
N ASP A 144 7.80 -36.53 11.64
CA ASP A 144 9.04 -37.30 11.66
C ASP A 144 10.06 -36.76 10.67
N VAL A 145 9.63 -36.42 9.46
CA VAL A 145 10.56 -35.99 8.43
C VAL A 145 11.10 -34.61 8.75
N VAL A 146 10.25 -33.75 9.29
CA VAL A 146 10.67 -32.41 9.75
C VAL A 146 11.74 -32.55 10.86
N MET A 147 11.44 -33.33 11.89
N MET A 147 11.45 -33.34 11.90
N MET A 147 11.46 -33.36 11.88
CA MET A 147 12.30 -33.41 13.07
CA MET A 147 12.33 -33.37 13.06
CA MET A 147 12.34 -33.38 13.06
C MET A 147 13.64 -34.06 12.74
C MET A 147 13.66 -34.04 12.72
C MET A 147 13.65 -34.06 12.74
N LYS A 148 13.67 -34.96 11.76
CA LYS A 148 14.92 -35.69 11.46
C LYS A 148 15.79 -34.94 10.47
N ALA A 149 15.26 -33.90 9.83
CA ALA A 149 16.03 -33.22 8.79
C ALA A 149 17.26 -32.56 9.39
N THR A 150 18.36 -32.68 8.67
CA THR A 150 19.63 -32.08 9.07
C THR A 150 20.09 -30.96 8.14
N GLU A 151 19.28 -30.65 7.14
CA GLU A 151 19.57 -29.62 6.15
C GLU A 151 18.23 -29.24 5.54
N PRO A 152 18.21 -28.10 4.82
CA PRO A 152 16.96 -27.77 4.11
C PRO A 152 16.60 -28.86 3.09
N GLN A 153 15.31 -29.04 2.91
CA GLN A 153 14.86 -30.20 2.16
C GLN A 153 13.39 -30.04 1.78
N MET A 154 13.01 -30.42 0.56
CA MET A 154 11.63 -30.38 0.10
C MET A 154 11.24 -31.84 0.03
N VAL A 155 10.14 -32.20 0.70
CA VAL A 155 9.51 -33.55 0.58
C VAL A 155 8.11 -33.44 0.02
N LEU A 156 7.82 -34.32 -0.96
CA LEU A 156 6.51 -34.34 -1.58
C LEU A 156 5.64 -35.46 -1.03
N PHE A 157 4.38 -35.13 -0.73
CA PHE A 157 3.42 -36.09 -0.21
C PHE A 157 2.10 -35.98 -0.98
N ASN A 158 1.25 -36.99 -0.92
CA ASN A 158 -0.16 -36.76 -1.25
C ASN A 158 -0.93 -36.87 0.06
N ILE A 159 -1.47 -35.76 0.60
CA ILE A 159 -2.18 -35.85 1.88
C ILE A 159 -3.54 -36.53 1.83
N TYR A 160 -4.01 -36.86 0.64
CA TYR A 160 -5.21 -37.67 0.55
C TYR A 160 -4.93 -39.17 0.38
N ASP A 161 -3.68 -39.59 0.39
CA ASP A 161 -3.39 -41.02 0.16
C ASP A 161 -4.05 -41.34 -1.17
N ASP A 162 -4.82 -42.42 -1.24
CA ASP A 162 -5.48 -42.88 -2.45
C ASP A 162 -6.94 -42.54 -2.44
N TRP A 163 -7.36 -41.54 -1.66
CA TRP A 163 -8.81 -41.37 -1.48
C TRP A 163 -9.49 -40.99 -2.78
N LEU A 164 -8.78 -40.27 -3.63
CA LEU A 164 -9.35 -39.73 -4.85
C LEU A 164 -9.75 -40.82 -5.80
N ASP A 165 -9.27 -42.05 -5.55
CA ASP A 165 -9.74 -43.21 -6.32
C ASP A 165 -11.20 -43.49 -6.05
N ARG A 166 -11.73 -43.04 -4.90
CA ARG A 166 -13.07 -43.45 -4.49
C ARG A 166 -13.98 -42.28 -4.15
N ILE A 167 -13.44 -41.09 -3.84
CA ILE A 167 -14.24 -39.93 -3.45
C ILE A 167 -13.79 -38.70 -4.23
N SER A 168 -14.63 -37.68 -4.22
CA SER A 168 -14.24 -36.50 -4.97
C SER A 168 -13.30 -35.62 -4.14
N SER A 169 -12.68 -34.64 -4.79
N SER A 169 -12.69 -34.63 -4.78
CA SER A 169 -11.78 -33.74 -4.08
CA SER A 169 -11.77 -33.77 -4.04
C SER A 169 -12.52 -32.97 -3.00
C SER A 169 -12.51 -32.94 -3.01
N TYR A 170 -13.74 -32.53 -3.29
CA TYR A 170 -14.50 -31.85 -2.26
C TYR A 170 -14.61 -32.72 -1.01
N THR A 171 -14.94 -33.98 -1.19
CA THR A 171 -15.13 -34.84 -0.04
C THR A 171 -13.80 -35.15 0.65
N ALA A 172 -12.73 -35.24 -0.13
CA ALA A 172 -11.39 -35.54 0.40
C ALA A 172 -10.83 -34.38 1.23
N PHE A 173 -11.03 -33.13 0.73
CA PHE A 173 -10.68 -31.95 1.51
C PHE A 173 -11.49 -31.86 2.80
N SER A 174 -12.81 -32.18 2.73
CA SER A 174 -13.68 -32.18 3.92
C SER A 174 -13.23 -33.21 4.93
N ARG A 175 -12.87 -34.40 4.45
CA ARG A 175 -12.35 -35.39 5.38
C ARG A 175 -11.05 -34.88 5.99
N LEU A 176 -10.14 -34.40 5.17
CA LEU A 176 -8.85 -33.90 5.69
C LEU A 176 -9.06 -32.80 6.75
N THR A 177 -9.89 -31.80 6.45
CA THR A 177 -10.05 -30.74 7.43
C THR A 177 -10.73 -31.24 8.70
N LEU A 178 -11.59 -32.23 8.61
CA LEU A 178 -12.17 -32.80 9.84
C LEU A 178 -11.10 -33.49 10.68
N LEU A 179 -10.24 -34.25 10.04
CA LEU A 179 -9.19 -34.95 10.77
C LEU A 179 -8.24 -33.94 11.43
N LEU A 180 -7.84 -32.92 10.67
CA LEU A 180 -6.94 -31.91 11.21
C LEU A 180 -7.62 -31.09 12.30
N ARG A 181 -8.89 -30.70 12.09
CA ARG A 181 -9.59 -30.02 13.17
C ARG A 181 -9.61 -30.88 14.43
N ALA A 182 -9.83 -32.18 14.28
CA ALA A 182 -9.89 -33.05 15.45
C ALA A 182 -8.54 -33.11 16.14
N LEU A 183 -7.50 -33.36 15.37
CA LEU A 183 -6.16 -33.40 15.91
C LEU A 183 -5.76 -32.09 16.58
N LYS A 184 -6.33 -30.96 16.12
CA LYS A 184 -5.99 -29.67 16.71
C LYS A 184 -6.72 -29.43 18.02
N THR A 185 -7.96 -29.91 18.14
N THR A 185 -7.95 -29.92 18.15
CA THR A 185 -8.69 -29.66 19.37
CA THR A 185 -8.71 -29.67 19.38
C THR A 185 -8.29 -30.63 20.48
C THR A 185 -8.35 -30.65 20.49
N ASN A 186 -7.95 -31.87 20.14
CA ASN A 186 -7.57 -32.86 21.15
C ASN A 186 -6.75 -33.95 20.44
N GLU A 187 -5.44 -33.74 20.39
CA GLU A 187 -4.58 -34.61 19.63
C GLU A 187 -4.63 -36.04 20.16
N GLU A 188 -4.66 -36.22 21.48
CA GLU A 188 -4.59 -37.59 21.99
C GLU A 188 -5.82 -38.38 21.59
N SER A 189 -7.00 -37.87 21.92
CA SER A 189 -8.22 -38.54 21.52
C SER A 189 -8.22 -38.81 20.02
N ALA A 190 -7.96 -37.78 19.22
CA ALA A 190 -7.94 -37.95 17.78
C ALA A 190 -7.04 -39.12 17.38
N LYS A 191 -5.84 -39.19 17.93
CA LYS A 191 -4.94 -40.26 17.53
C LYS A 191 -5.44 -41.62 18.01
N MET A 192 -5.94 -41.70 19.24
CA MET A 192 -6.57 -42.95 19.67
CA MET A 192 -6.58 -42.93 19.67
C MET A 192 -7.61 -43.38 18.66
N ILE A 193 -8.49 -42.47 18.26
CA ILE A 193 -9.55 -42.81 17.32
C ILE A 193 -8.97 -43.46 16.07
N LEU A 194 -7.89 -42.88 15.54
CA LEU A 194 -7.38 -43.30 14.24
C LEU A 194 -6.68 -44.65 14.31
N LEU A 195 -6.09 -44.96 15.44
CA LEU A 195 -5.22 -46.12 15.56
C LEU A 195 -5.80 -47.17 16.49
N SER A 196 -7.06 -47.02 16.90
CA SER A 196 -7.61 -47.91 17.92
C SER A 196 -7.57 -49.36 17.45
N ASP A 197 -7.95 -49.62 16.19
CA ASP A 197 -8.06 -50.98 15.69
C ASP A 197 -6.71 -51.40 15.11
N PRO A 198 -5.99 -52.34 15.75
CA PRO A 198 -4.67 -52.71 15.22
C PRO A 198 -4.71 -53.29 13.82
N THR A 199 -5.84 -53.84 13.40
CA THR A 199 -5.90 -54.52 12.11
C THR A 199 -5.94 -53.56 10.94
N ILE A 200 -6.24 -52.28 11.16
CA ILE A 200 -6.22 -51.28 10.10
C ILE A 200 -4.88 -50.58 10.14
N THR A 201 -4.09 -50.74 9.09
CA THR A 201 -2.72 -50.26 9.08
C THR A 201 -2.59 -49.05 8.16
N ILE A 202 -1.47 -48.37 8.28
CA ILE A 202 -1.11 -47.27 7.39
C ILE A 202 -0.10 -47.83 6.41
N LYS A 203 -0.40 -47.77 5.13
CA LYS A 203 0.57 -48.28 4.17
C LYS A 203 1.87 -47.49 4.23
N SER A 204 2.97 -48.14 3.81
CA SER A 204 4.26 -47.43 3.94
C SER A 204 4.25 -46.11 3.15
N TYR A 205 3.53 -46.09 2.02
CA TYR A 205 3.44 -44.91 1.16
C TYR A 205 2.20 -44.06 1.44
N HIS A 206 1.59 -44.18 2.62
CA HIS A 206 0.43 -43.35 2.98
C HIS A 206 0.66 -42.63 4.29
N LEU A 207 -0.20 -41.69 4.57
CA LEU A 207 -0.14 -41.00 5.83
C LEU A 207 -1.20 -41.45 6.81
N TRP A 208 -2.32 -41.86 6.31
CA TRP A 208 -3.39 -42.32 7.18
C TRP A 208 -3.74 -43.81 7.07
N PRO A 209 -4.54 -44.35 7.98
CA PRO A 209 -4.87 -45.78 7.91
C PRO A 209 -5.71 -46.14 6.70
N SER A 210 -5.69 -47.44 6.37
CA SER A 210 -6.33 -47.97 5.16
C SER A 210 -7.78 -48.35 5.46
N PHE A 211 -8.57 -47.34 5.81
CA PHE A 211 -9.96 -47.59 6.19
C PHE A 211 -10.81 -47.98 4.98
N THR A 212 -11.72 -48.93 5.19
CA THR A 212 -12.79 -49.09 4.21
C THR A 212 -13.72 -47.87 4.21
N ASP A 213 -14.54 -47.76 3.16
CA ASP A 213 -15.57 -46.74 3.09
C ASP A 213 -16.41 -46.76 4.36
N GLU A 214 -16.81 -47.95 4.80
CA GLU A 214 -17.67 -48.02 5.97
C GLU A 214 -16.94 -47.48 7.18
N GLN A 215 -15.66 -47.86 7.33
CA GLN A 215 -14.87 -47.46 8.49
C GLN A 215 -14.63 -45.96 8.49
N TRP A 216 -14.49 -45.33 7.32
CA TRP A 216 -14.25 -43.91 7.29
C TRP A 216 -15.46 -43.14 7.80
N ILE A 217 -16.66 -43.62 7.48
CA ILE A 217 -17.87 -42.98 8.00
C ILE A 217 -17.91 -43.07 9.53
N THR A 218 -17.59 -44.25 10.08
CA THR A 218 -17.48 -44.38 11.52
C THR A 218 -16.44 -43.40 12.06
N ILE A 219 -15.23 -43.42 11.50
CA ILE A 219 -14.17 -42.52 11.93
C ILE A 219 -14.64 -41.08 11.87
N GLU A 220 -15.16 -40.67 10.71
CA GLU A 220 -15.59 -39.29 10.57
C GLU A 220 -16.60 -38.92 11.65
N SER A 221 -17.55 -39.80 11.93
N SER A 221 -17.55 -39.80 11.91
CA SER A 221 -18.52 -39.52 12.98
CA SER A 221 -18.51 -39.54 12.99
C SER A 221 -17.85 -39.44 14.35
C SER A 221 -17.81 -39.40 14.33
N GLN A 222 -16.83 -40.26 14.60
CA GLN A 222 -16.12 -40.19 15.87
C GLN A 222 -15.38 -38.86 16.00
N MET A 223 -14.81 -38.37 14.90
CA MET A 223 -14.11 -37.08 14.95
C MET A 223 -15.09 -35.92 15.17
N ARG A 224 -16.28 -35.99 14.59
N ARG A 224 -16.29 -36.00 14.62
CA ARG A 224 -17.29 -34.97 14.85
CA ARG A 224 -17.28 -34.95 14.86
C ARG A 224 -17.67 -34.97 16.33
C ARG A 224 -17.72 -34.96 16.32
N ASP A 225 -17.95 -36.15 16.87
CA ASP A 225 -18.24 -36.26 18.30
CA ASP A 225 -18.23 -36.27 18.30
C ASP A 225 -17.18 -35.55 19.13
N LEU A 226 -15.89 -35.87 18.88
CA LEU A 226 -14.78 -35.26 19.60
C LEU A 226 -14.85 -33.74 19.55
N ILE A 227 -15.11 -33.19 18.36
CA ILE A 227 -15.01 -31.75 18.16
C ILE A 227 -16.14 -31.02 18.88
N LEU A 228 -17.36 -31.55 18.80
CA LEU A 228 -18.48 -31.01 19.57
C LEU A 228 -18.22 -31.11 21.08
N THR A 229 -17.80 -32.29 21.54
CA THR A 229 -17.50 -32.48 22.95
C THR A 229 -16.50 -31.48 23.49
N GLU A 230 -15.23 -31.61 23.09
CA GLU A 230 -14.20 -30.67 23.53
C GLU A 230 -14.71 -29.24 23.47
N TYR A 231 -15.58 -28.94 22.51
CA TYR A 231 -16.25 -27.66 22.44
C TYR A 231 -17.23 -27.49 23.60
N GLY A 232 -17.72 -28.60 24.16
CA GLY A 232 -18.47 -28.56 25.40
C GLY A 232 -17.54 -28.46 26.60
N ARG A 233 -16.65 -29.45 26.75
CA ARG A 233 -15.62 -29.39 27.79
C ARG A 233 -14.91 -28.05 27.84
N LYS A 234 -14.96 -27.26 26.76
CA LYS A 234 -14.30 -25.96 26.70
C LYS A 234 -15.22 -24.81 27.12
N TYR A 235 -16.43 -24.75 26.55
CA TYR A 235 -17.40 -23.74 26.91
C TYR A 235 -18.42 -24.24 27.93
N ASN A 236 -18.23 -25.44 28.48
CA ASN A 236 -19.17 -26.05 29.42
C ASN A 236 -20.61 -25.97 28.91
N VAL A 237 -21.02 -26.96 28.11
CA VAL A 237 -22.36 -27.01 27.56
C VAL A 237 -22.84 -28.46 27.48
N MET B 5 6.89 44.20 -8.31
CA MET B 5 5.48 43.71 -8.16
C MET B 5 4.80 43.54 -9.52
N ASN B 6 4.04 42.47 -9.69
CA ASN B 6 3.42 42.17 -10.98
C ASN B 6 1.91 42.15 -10.84
N THR B 7 1.22 42.08 -11.98
CA THR B 7 -0.22 42.31 -12.07
C THR B 7 -0.88 41.30 -13.00
N VAL B 8 -2.02 40.75 -12.59
CA VAL B 8 -2.86 39.94 -13.45
C VAL B 8 -4.19 40.66 -13.60
N PRO B 9 -4.38 41.38 -14.69
CA PRO B 9 -5.68 42.02 -14.93
C PRO B 9 -6.71 41.02 -15.38
N PHE B 10 -7.94 41.42 -15.14
CA PHE B 10 -9.12 40.70 -15.59
C PHE B 10 -9.90 41.57 -16.56
N THR B 11 -10.35 41.02 -17.67
CA THR B 11 -11.17 41.81 -18.59
C THR B 11 -12.45 42.29 -17.92
N SER B 12 -13.05 41.44 -17.08
CA SER B 12 -14.33 41.71 -16.43
C SER B 12 -14.62 40.53 -15.52
N ALA B 13 -15.69 40.64 -14.75
CA ALA B 13 -16.13 39.55 -13.88
C ALA B 13 -17.61 39.29 -14.11
N PRO B 14 -17.97 38.58 -15.19
CA PRO B 14 -19.40 38.44 -15.55
C PRO B 14 -20.20 37.49 -14.70
N ILE B 15 -19.58 36.53 -14.01
CA ILE B 15 -20.31 35.66 -13.11
C ILE B 15 -19.69 35.73 -11.72
N GLU B 16 -20.58 35.60 -10.75
CA GLU B 16 -20.26 35.55 -9.34
C GLU B 16 -19.32 34.38 -9.05
N VAL B 17 -18.22 34.69 -8.36
CA VAL B 17 -17.08 33.77 -8.24
C VAL B 17 -16.30 34.10 -6.99
N THR B 18 -15.82 33.06 -6.30
CA THR B 18 -14.80 33.20 -5.29
C THR B 18 -13.43 33.03 -5.95
N ILE B 19 -12.60 34.05 -5.86
CA ILE B 19 -11.27 34.08 -6.49
C ILE B 19 -10.21 33.84 -5.44
N GLY B 20 -9.34 32.89 -5.75
CA GLY B 20 -8.16 32.58 -4.97
C GLY B 20 -6.96 33.10 -5.63
N ILE B 21 -6.06 33.72 -4.84
CA ILE B 21 -4.70 33.94 -5.26
C ILE B 21 -3.78 33.39 -4.16
N ASP B 22 -3.07 32.31 -4.44
CA ASP B 22 -2.23 31.68 -3.44
C ASP B 22 -3.16 31.37 -2.28
N GLN B 23 -2.71 31.61 -1.05
CA GLN B 23 -3.52 31.23 0.10
C GLN B 23 -4.60 32.27 0.43
N TYR B 24 -4.80 33.31 -0.38
CA TYR B 24 -5.82 34.32 -0.16
C TYR B 24 -7.02 34.10 -1.07
N SER B 25 -8.16 34.69 -0.70
CA SER B 25 -9.34 34.58 -1.54
C SER B 25 -10.32 35.67 -1.19
N PHE B 26 -11.17 36.00 -2.15
CA PHE B 26 -12.12 37.09 -2.07
C PHE B 26 -13.30 36.81 -3.00
N ASN B 27 -14.45 37.38 -2.68
CA ASN B 27 -15.69 37.13 -3.40
C ASN B 27 -15.95 38.30 -4.34
N VAL B 28 -16.31 38.00 -5.57
CA VAL B 28 -16.64 39.01 -6.58
C VAL B 28 -18.06 38.72 -7.04
N LYS B 29 -18.91 39.75 -7.07
CA LYS B 29 -20.32 39.52 -7.40
C LYS B 29 -20.56 39.56 -8.90
N GLU B 30 -21.66 38.98 -9.33
CA GLU B 30 -22.01 39.00 -10.74
C GLU B 30 -21.99 40.41 -11.36
N ASN B 31 -21.14 40.59 -12.38
CA ASN B 31 -20.90 41.89 -13.03
C ASN B 31 -20.40 42.98 -12.06
N GLN B 32 -19.68 42.61 -11.04
CA GLN B 32 -19.02 43.60 -10.20
C GLN B 32 -17.81 44.17 -10.94
N PRO B 33 -17.52 45.49 -10.80
CA PRO B 33 -16.42 46.14 -11.57
C PRO B 33 -15.02 45.85 -11.03
N PHE B 34 -14.57 44.64 -11.32
CA PHE B 34 -13.33 44.06 -10.84
C PHE B 34 -12.41 43.82 -12.01
N HIS B 35 -11.17 44.34 -11.90
CA HIS B 35 -10.27 44.18 -13.03
C HIS B 35 -8.93 43.60 -12.67
N GLY B 36 -8.85 42.90 -11.57
CA GLY B 36 -7.73 42.03 -11.34
C GLY B 36 -6.99 42.26 -10.05
N ILE B 37 -5.78 41.70 -10.02
CA ILE B 37 -4.95 41.55 -8.84
C ILE B 37 -3.59 42.16 -9.11
N LYS B 38 -3.18 43.07 -8.26
CA LYS B 38 -1.92 43.77 -8.35
C LYS B 38 -0.99 43.43 -7.18
N ASP B 39 0.24 43.96 -7.24
CA ASP B 39 1.24 43.79 -6.20
C ASP B 39 1.60 42.33 -5.95
N ILE B 40 1.61 41.51 -7.01
CA ILE B 40 1.90 40.09 -6.80
C ILE B 40 3.41 39.89 -6.68
N PRO B 41 3.90 39.23 -5.62
CA PRO B 41 5.35 39.17 -5.45
C PRO B 41 6.01 38.45 -6.62
N ILE B 42 6.99 39.11 -7.22
CA ILE B 42 7.87 38.47 -8.18
C ILE B 42 8.82 37.54 -7.44
N GLY B 43 9.13 36.41 -8.04
CA GLY B 43 10.17 35.51 -7.55
C GLY B 43 9.65 34.17 -7.13
N HIS B 44 8.33 34.01 -7.15
CA HIS B 44 7.65 32.81 -6.73
C HIS B 44 6.69 32.36 -7.81
N VAL B 45 6.30 31.10 -7.75
N VAL B 45 6.37 31.06 -7.81
CA VAL B 45 5.21 30.59 -8.57
CA VAL B 45 5.22 30.70 -8.59
C VAL B 45 3.90 30.83 -7.83
C VAL B 45 3.98 31.19 -7.86
N HIS B 46 2.88 31.21 -8.57
CA HIS B 46 1.61 31.58 -7.98
C HIS B 46 0.51 30.71 -8.55
N VAL B 47 -0.62 30.68 -7.86
CA VAL B 47 -1.80 30.06 -8.43
C VAL B 47 -3.00 30.97 -8.24
N ILE B 48 -3.75 31.18 -9.30
N ILE B 48 -3.71 31.24 -9.32
CA ILE B 48 -5.01 31.91 -9.24
CA ILE B 48 -5.01 31.91 -9.26
C ILE B 48 -6.13 30.91 -9.54
C ILE B 48 -6.10 30.87 -9.49
N HIS B 49 -7.14 30.88 -8.66
CA HIS B 49 -8.09 29.81 -8.68
C HIS B 49 -9.52 30.29 -8.48
N PHE B 50 -10.47 29.42 -8.84
CA PHE B 50 -11.84 29.89 -9.02
C PHE B 50 -12.86 28.90 -8.48
N GLN B 51 -13.89 29.42 -7.85
CA GLN B 51 -15.02 28.58 -7.48
C GLN B 51 -16.30 29.35 -7.75
N HIS B 52 -17.05 28.94 -8.75
CA HIS B 52 -18.25 29.69 -9.09
C HIS B 52 -19.25 29.65 -7.96
N ALA B 53 -20.02 30.76 -7.83
CA ALA B 53 -21.04 30.85 -6.80
C ALA B 53 -22.13 29.80 -6.99
N ASP B 54 -22.47 29.48 -8.24
CA ASP B 54 -23.55 28.53 -8.49
C ASP B 54 -23.09 27.09 -8.26
N ASN B 55 -21.95 26.73 -8.83
CA ASN B 55 -21.47 25.35 -8.82
C ASN B 55 -20.17 25.28 -8.02
N SER B 56 -20.28 25.03 -6.71
CA SER B 56 -19.10 24.75 -5.92
C SER B 56 -18.35 23.53 -6.44
N SER B 57 -18.98 22.72 -7.30
CA SER B 57 -18.27 21.69 -8.02
C SER B 57 -17.23 22.30 -8.95
N MET B 58 -16.14 21.59 -9.16
N MET B 58 -16.14 21.57 -9.13
CA MET B 58 -15.03 22.11 -9.97
CA MET B 58 -14.98 22.01 -9.92
C MET B 58 -14.46 23.38 -9.36
C MET B 58 -14.44 23.34 -9.39
N ARG B 59 -13.48 23.24 -8.47
CA ARG B 59 -12.51 24.31 -8.28
C ARG B 59 -11.49 24.17 -9.42
N TYR B 60 -11.03 25.28 -9.98
CA TYR B 60 -10.04 25.17 -11.03
C TYR B 60 -9.16 26.39 -10.94
N GLY B 61 -8.04 26.37 -11.67
CA GLY B 61 -7.08 27.47 -11.52
C GLY B 61 -5.85 27.29 -12.37
N TYR B 62 -4.97 28.25 -12.26
CA TYR B 62 -3.79 28.38 -13.11
C TYR B 62 -2.54 28.62 -12.31
N TRP B 63 -1.52 27.77 -12.55
CA TRP B 63 -0.16 27.99 -12.07
C TRP B 63 0.59 28.85 -13.07
N PHE B 64 1.27 29.91 -12.56
CA PHE B 64 2.00 30.86 -13.38
C PHE B 64 3.13 31.54 -12.62
N ASP B 65 4.06 32.03 -13.42
CA ASP B 65 5.20 32.78 -12.95
C ASP B 65 5.25 34.01 -13.80
N CYS B 66 5.21 35.18 -13.13
CA CYS B 66 5.09 36.48 -13.79
C CYS B 66 6.34 36.84 -14.58
N ARG B 67 7.45 36.21 -14.25
CA ARG B 67 8.66 36.41 -15.02
C ARG B 67 8.56 35.80 -16.42
N MET B 68 7.58 34.95 -16.69
N MET B 68 7.58 34.95 -16.69
CA MET B 68 7.52 34.24 -17.96
CA MET B 68 7.51 34.23 -17.96
C MET B 68 6.52 34.84 -18.96
C MET B 68 6.56 34.87 -18.98
N GLY B 69 5.93 35.99 -18.66
CA GLY B 69 5.07 36.64 -19.62
C GLY B 69 4.03 37.48 -18.91
N ASN B 70 3.28 38.23 -19.71
CA ASN B 70 2.17 39.04 -19.21
C ASN B 70 0.88 38.23 -19.34
N PHE B 71 0.26 37.91 -18.21
CA PHE B 71 -0.90 37.02 -18.18
C PHE B 71 -2.10 37.81 -17.67
N TYR B 72 -3.26 37.51 -18.24
CA TYR B 72 -4.55 38.05 -17.82
C TYR B 72 -5.66 37.01 -17.78
N ILE B 73 -6.79 37.36 -17.14
CA ILE B 73 -7.95 36.47 -17.04
C ILE B 73 -9.09 37.09 -17.83
N GLN B 74 -9.80 36.26 -18.55
CA GLN B 74 -10.96 36.68 -19.30
C GLN B 74 -12.00 35.60 -19.20
N TYR B 75 -13.23 35.95 -18.80
CA TYR B 75 -14.31 34.96 -18.81
C TYR B 75 -14.68 34.51 -20.24
N ASP B 76 -14.81 33.18 -20.46
CA ASP B 76 -15.34 32.68 -21.72
C ASP B 76 -16.78 32.22 -21.53
N PRO B 77 -17.78 32.84 -22.15
CA PRO B 77 -19.16 32.41 -21.89
C PRO B 77 -19.56 31.14 -22.61
N LYS B 78 -18.71 30.59 -23.49
CA LYS B 78 -19.03 29.35 -24.21
C LYS B 78 -18.57 28.17 -23.39
N ASP B 79 -17.29 28.19 -23.00
CA ASP B 79 -16.78 27.17 -22.12
C ASP B 79 -17.15 27.39 -20.68
N GLY B 80 -17.62 28.59 -20.33
CA GLY B 80 -18.11 28.86 -19.01
C GLY B 80 -17.02 28.88 -17.95
N LEU B 81 -15.83 29.39 -18.24
CA LEU B 81 -14.91 29.57 -17.14
C LEU B 81 -14.03 30.80 -17.35
N TYR B 82 -13.39 31.21 -16.25
CA TYR B 82 -12.36 32.23 -16.25
C TYR B 82 -11.11 31.63 -16.87
N LYS B 83 -10.62 32.18 -17.95
CA LYS B 83 -9.53 31.55 -18.69
C LYS B 83 -8.29 32.42 -18.54
N MET B 84 -7.12 31.82 -18.23
CA MET B 84 -5.89 32.62 -18.28
C MET B 84 -5.38 32.70 -19.72
N MET B 85 -4.83 33.85 -20.06
CA MET B 85 -4.32 34.09 -21.41
C MET B 85 -3.05 34.90 -21.27
N GLU B 86 -2.20 34.83 -22.29
CA GLU B 86 -0.99 35.64 -22.39
C GLU B 86 -1.24 36.79 -23.37
N GLU B 87 -0.79 37.99 -22.98
CA GLU B 87 -0.77 39.14 -23.87
C GLU B 87 0.67 39.28 -24.37
N ARG B 88 0.86 39.19 -25.69
CA ARG B 88 2.20 39.34 -26.22
C ARG B 88 2.57 40.79 -26.55
N ASP B 89 1.57 41.68 -26.67
CA ASP B 89 1.83 43.11 -26.95
C ASP B 89 2.08 43.80 -25.62
N GLY B 90 3.36 43.95 -25.28
CA GLY B 90 3.71 44.46 -23.97
C GLY B 90 3.22 45.87 -23.73
N ALA B 91 3.17 46.69 -24.77
CA ALA B 91 2.70 48.07 -24.60
C ALA B 91 1.20 48.08 -24.35
N LYS B 92 0.46 47.22 -25.06
CA LYS B 92 -0.96 47.06 -24.80
C LYS B 92 -1.20 46.63 -23.37
N PHE B 93 -0.34 45.76 -22.86
CA PHE B 93 -0.52 45.23 -21.51
C PHE B 93 -0.26 46.30 -20.47
N GLU B 94 0.88 46.98 -20.56
CA GLU B 94 1.21 48.00 -19.59
C GLU B 94 0.18 49.12 -19.61
N ASN B 95 -0.24 49.54 -20.79
CA ASN B 95 -1.31 50.53 -20.91
C ASN B 95 -2.59 50.08 -20.21
N ILE B 96 -2.99 48.82 -20.42
CA ILE B 96 -4.18 48.27 -19.75
C ILE B 96 -4.00 48.31 -18.25
N VAL B 97 -2.91 47.71 -17.75
CA VAL B 97 -2.70 47.64 -16.31
C VAL B 97 -2.63 49.04 -15.70
N HIS B 98 -1.94 49.98 -16.36
CA HIS B 98 -1.83 51.31 -15.76
C HIS B 98 -3.19 51.99 -15.63
N ASN B 99 -4.05 51.87 -16.64
CA ASN B 99 -5.38 52.48 -16.57
C ASN B 99 -6.20 51.85 -15.44
N PHE B 100 -6.15 50.52 -15.30
CA PHE B 100 -6.96 49.87 -14.27
C PHE B 100 -6.49 50.26 -12.86
N LYS B 101 -5.18 50.35 -12.65
CA LYS B 101 -4.66 50.84 -11.37
C LYS B 101 -5.06 52.30 -11.11
N GLU B 102 -5.01 53.14 -12.15
CA GLU B 102 -5.40 54.53 -11.95
C GLU B 102 -6.84 54.62 -11.46
N ARG B 103 -7.73 53.84 -12.07
CA ARG B 103 -9.11 53.75 -11.64
C ARG B 103 -9.32 52.87 -10.40
N GLN B 104 -8.23 52.34 -9.82
CA GLN B 104 -8.27 51.55 -8.58
C GLN B 104 -9.30 50.42 -8.64
N MET B 105 -9.29 49.72 -9.76
CA MET B 105 -10.21 48.62 -9.95
C MET B 105 -9.54 47.27 -9.71
N MET B 106 -8.42 47.21 -8.96
CA MET B 106 -7.75 45.95 -8.69
C MET B 106 -7.54 45.77 -7.20
N VAL B 107 -7.57 44.53 -6.75
CA VAL B 107 -7.30 44.15 -5.38
C VAL B 107 -5.81 43.91 -5.32
N SER B 108 -5.26 44.21 -4.15
CA SER B 108 -3.86 44.08 -3.90
C SER B 108 -3.55 42.75 -3.23
N TYR B 109 -2.58 42.05 -3.79
CA TYR B 109 -2.07 40.85 -3.16
C TYR B 109 -1.71 41.18 -1.72
N PRO B 110 -2.35 40.56 -0.74
CA PRO B 110 -2.35 41.14 0.60
C PRO B 110 -1.32 40.51 1.48
N LYS B 111 -0.04 40.60 1.12
CA LYS B 111 1.00 39.92 1.89
C LYS B 111 1.40 40.77 3.10
N ILE B 112 1.42 40.11 4.27
CA ILE B 112 2.03 40.68 5.47
C ILE B 112 3.54 40.62 5.35
N ASP B 113 4.23 41.68 5.82
CA ASP B 113 5.68 41.75 5.66
C ASP B 113 6.38 40.61 6.41
N GLU B 114 5.89 40.25 7.59
CA GLU B 114 6.44 39.17 8.40
C GLU B 114 6.23 37.79 7.79
N ASP B 115 5.36 37.67 6.80
CA ASP B 115 4.71 36.40 6.47
C ASP B 115 5.45 35.68 5.36
N ASP B 116 6.13 34.60 5.73
CA ASP B 116 6.86 33.81 4.77
C ASP B 116 6.05 32.59 4.34
N THR B 117 4.75 32.50 4.66
CA THR B 117 4.00 31.27 4.34
C THR B 117 4.13 30.79 2.89
N TRP B 118 3.90 31.69 1.92
CA TRP B 118 3.91 31.26 0.52
C TRP B 118 5.29 30.78 0.14
N TYR B 119 6.30 31.57 0.46
CA TYR B 119 7.65 31.11 0.19
C TYR B 119 7.85 29.70 0.71
N ASN B 120 7.38 29.44 1.93
CA ASN B 120 7.65 28.14 2.58
C ASN B 120 6.89 26.96 1.94
N LEU B 121 5.71 27.22 1.40
CA LEU B 121 4.93 26.19 0.72
C LEU B 121 5.40 25.97 -0.70
N THR B 122 6.15 26.92 -1.29
CA THR B 122 6.56 26.82 -2.70
C THR B 122 8.08 26.89 -2.86
N GLU B 123 8.82 26.73 -1.76
CA GLU B 123 10.26 26.90 -1.80
C GLU B 123 10.89 26.21 -2.99
N PHE B 124 10.52 24.97 -3.25
CA PHE B 124 11.14 24.14 -4.28
C PHE B 124 10.28 24.00 -5.53
N VAL B 125 9.19 24.71 -5.60
CA VAL B 125 8.33 24.55 -6.75
C VAL B 125 8.84 25.45 -7.87
N GLN B 126 9.01 24.89 -9.07
N GLN B 126 9.03 24.87 -9.04
CA GLN B 126 9.55 25.61 -10.20
CA GLN B 126 9.54 25.57 -10.21
C GLN B 126 8.61 25.45 -11.39
C GLN B 126 8.52 25.46 -11.33
N MET B 127 8.30 26.57 -12.06
CA MET B 127 7.33 26.52 -13.14
C MET B 127 7.72 25.52 -14.22
N ASP B 128 9.02 25.35 -14.45
CA ASP B 128 9.45 24.41 -15.48
C ASP B 128 8.98 22.99 -15.15
N LYS B 129 8.99 22.63 -13.86
CA LYS B 129 8.63 21.26 -13.47
C LYS B 129 7.13 21.09 -13.47
N ILE B 130 6.40 22.14 -13.06
CA ILE B 130 4.93 22.09 -13.15
C ILE B 130 4.49 21.77 -14.58
N ARG B 131 5.14 22.40 -15.58
CA ARG B 131 4.74 22.26 -16.97
C ARG B 131 5.03 20.86 -17.50
N LYS B 132 5.89 20.10 -16.83
CA LYS B 132 6.14 18.70 -17.18
C LYS B 132 5.15 17.75 -16.52
N ILE B 133 4.61 18.14 -15.37
CA ILE B 133 3.53 17.41 -14.73
C ILE B 133 2.20 17.72 -15.42
N VAL B 134 1.99 18.98 -15.82
CA VAL B 134 0.75 19.42 -16.47
C VAL B 134 1.13 19.80 -17.89
N ARG B 135 0.91 18.87 -18.83
CA ARG B 135 1.48 19.00 -20.18
C ARG B 135 0.53 19.76 -21.09
N LYS B 136 0.94 20.97 -21.46
CA LYS B 136 0.21 21.83 -22.40
C LYS B 136 1.18 22.84 -22.97
N ASP B 137 2.06 22.38 -23.85
CA ASP B 137 3.28 23.12 -24.15
C ASP B 137 3.02 24.50 -24.73
N GLU B 138 1.85 24.70 -25.35
CA GLU B 138 1.59 25.96 -26.02
C GLU B 138 1.33 27.12 -25.06
N ASN B 139 0.98 26.84 -23.80
CA ASN B 139 0.84 27.90 -22.80
C ASN B 139 1.97 27.86 -21.77
N GLN B 140 2.27 29.03 -21.21
CA GLN B 140 3.34 29.12 -20.21
C GLN B 140 2.86 28.97 -18.77
N PHE B 141 1.53 28.91 -18.56
CA PHE B 141 0.79 28.67 -17.34
C PHE B 141 0.11 27.30 -17.46
N SER B 142 -0.34 26.79 -16.33
CA SER B 142 -0.79 25.41 -16.24
C SER B 142 -2.13 25.35 -15.55
N TYR B 143 -3.14 24.82 -16.26
CA TYR B 143 -4.48 24.63 -15.71
C TYR B 143 -4.54 23.32 -14.96
N VAL B 144 -5.14 23.39 -13.76
CA VAL B 144 -5.47 22.25 -12.89
C VAL B 144 -6.91 22.40 -12.39
N ASP B 145 -7.63 21.29 -12.20
CA ASP B 145 -8.93 21.40 -11.51
C ASP B 145 -9.15 20.22 -10.57
N SER B 146 -10.27 20.22 -9.85
CA SER B 146 -10.55 19.18 -8.86
C SER B 146 -10.57 17.77 -9.45
N SER B 147 -10.98 17.62 -10.73
CA SER B 147 -11.34 16.29 -11.27
C SER B 147 -10.21 15.63 -12.04
N MET B 148 -9.14 16.33 -12.30
CA MET B 148 -8.08 15.75 -13.10
C MET B 148 -7.48 14.54 -12.40
N THR B 149 -7.31 13.47 -13.14
CA THR B 149 -6.68 12.27 -12.60
C THR B 149 -5.20 12.23 -12.93
N THR B 150 -4.50 11.39 -12.19
CA THR B 150 -3.06 11.24 -12.35
C THR B 150 -2.74 10.09 -13.30
N VAL B 151 -1.51 10.12 -13.83
CA VAL B 151 -1.04 9.01 -14.66
C VAL B 151 -1.25 7.68 -13.95
N GLN B 152 -0.84 7.59 -12.68
CA GLN B 152 -0.93 6.31 -11.97
C GLN B 152 -2.39 5.92 -11.73
N GLU B 153 -3.25 6.90 -11.42
CA GLU B 153 -4.68 6.62 -11.35
C GLU B 153 -5.19 6.04 -12.67
N ASN B 154 -4.73 6.59 -13.80
CA ASN B 154 -5.15 6.12 -15.12
C ASN B 154 -4.65 4.71 -15.42
N GLU B 155 -3.64 4.24 -14.69
CA GLU B 155 -3.20 2.85 -14.80
C GLU B 155 -4.10 1.90 -14.01
N LEU B 156 -4.88 2.42 -13.07
CA LEU B 156 -5.74 1.60 -12.24
C LEU B 156 -7.21 1.81 -12.60
N SER B 161 -9.39 8.95 -18.09
CA SER B 161 -8.80 8.08 -19.10
C SER B 161 -8.17 8.92 -20.22
N ASP B 162 -8.38 10.23 -20.18
CA ASP B 162 -7.88 11.14 -21.20
C ASP B 162 -6.46 11.56 -20.85
N PRO B 163 -5.44 11.13 -21.60
CA PRO B 163 -4.06 11.45 -21.20
C PRO B 163 -3.69 12.92 -21.28
N ALA B 164 -4.39 13.70 -22.11
CA ALA B 164 -4.03 15.11 -22.28
C ALA B 164 -4.29 15.91 -21.01
N HIS B 165 -5.39 15.59 -20.32
CA HIS B 165 -5.84 16.30 -19.13
C HIS B 165 -5.37 15.63 -17.85
N SER B 166 -4.22 14.99 -17.87
CA SER B 166 -3.75 14.22 -16.72
C SER B 166 -2.67 15.00 -15.98
N LEU B 167 -2.46 14.62 -14.73
CA LEU B 167 -1.34 15.10 -13.91
C LEU B 167 -0.23 14.05 -13.98
N ASN B 168 0.88 14.37 -14.66
N ASN B 168 0.88 14.40 -14.63
CA ASN B 168 1.93 13.40 -14.89
CA ASN B 168 1.97 13.46 -14.89
C ASN B 168 2.94 13.41 -13.74
C ASN B 168 2.95 13.44 -13.72
N TYR B 169 2.42 13.10 -12.55
CA TYR B 169 3.27 12.95 -11.37
C TYR B 169 4.16 11.73 -11.56
N THR B 170 5.24 11.74 -10.82
CA THR B 170 6.22 10.66 -10.88
C THR B 170 5.64 9.44 -10.21
N VAL B 171 5.62 8.29 -10.88
CA VAL B 171 4.94 7.13 -10.30
C VAL B 171 5.80 6.46 -9.22
N ILE B 172 5.17 6.27 -8.06
CA ILE B 172 5.76 5.65 -6.88
C ILE B 172 4.89 4.45 -6.57
N ASN B 173 5.48 3.25 -6.53
CA ASN B 173 4.68 2.05 -6.26
C ASN B 173 5.58 1.12 -5.47
N PHE B 174 5.26 0.91 -4.20
CA PHE B 174 6.11 0.20 -3.21
C PHE B 174 6.19 -1.29 -3.47
N LYS B 175 5.24 -1.80 -4.25
CA LYS B 175 5.28 -3.25 -4.59
C LYS B 175 5.50 -3.38 -6.08
N SER B 176 6.68 -2.89 -6.57
CA SER B 176 7.09 -2.76 -8.01
C SER B 176 8.56 -3.13 -8.34
N ARG B 177 8.88 -3.28 -9.64
CA ARG B 177 10.23 -3.60 -10.20
C ARG B 177 11.26 -2.49 -9.90
N GLU B 178 10.89 -1.22 -10.03
CA GLU B 178 11.84 -0.11 -9.75
C GLU B 178 12.16 -0.08 -8.25
N ALA B 179 11.15 -0.37 -7.44
CA ALA B 179 11.16 -0.34 -5.96
C ALA B 179 11.97 -1.47 -5.35
N ILE B 180 11.92 -2.63 -5.99
CA ILE B 180 12.44 -3.89 -5.40
C ILE B 180 13.56 -4.50 -6.24
N ARG B 181 14.68 -4.87 -5.64
CA ARG B 181 15.80 -5.48 -6.40
C ARG B 181 15.62 -6.99 -6.34
N PRO B 182 15.93 -7.75 -7.43
CA PRO B 182 15.84 -9.22 -7.37
C PRO B 182 16.77 -9.70 -6.24
N GLY B 183 16.26 -10.54 -5.33
CA GLY B 183 16.98 -11.06 -4.15
C GLY B 183 17.00 -10.16 -2.93
N HIS B 184 16.44 -8.94 -3.00
CA HIS B 184 16.42 -7.98 -1.86
C HIS B 184 14.96 -7.68 -1.56
N GLU B 185 14.06 -8.65 -1.76
CA GLU B 185 12.60 -8.43 -1.64
C GLU B 185 12.19 -8.00 -0.23
N MET B 186 12.74 -8.62 0.82
CA MET B 186 12.37 -8.27 2.20
C MET B 186 13.12 -7.00 2.62
N GLU B 187 14.43 -6.93 2.32
CA GLU B 187 15.22 -5.75 2.64
C GLU B 187 14.62 -4.47 2.06
N ASP B 188 14.30 -4.48 0.76
CA ASP B 188 13.94 -3.24 0.06
C ASP B 188 12.50 -2.84 0.38
N PHE B 189 11.68 -3.79 0.79
CA PHE B 189 10.28 -3.46 1.10
C PHE B 189 10.15 -2.84 2.48
N LEU B 190 10.94 -3.34 3.43
CA LEU B 190 10.93 -2.86 4.80
C LEU B 190 11.79 -1.62 5.02
N ASP B 191 12.83 -1.43 4.19
CA ASP B 191 13.72 -0.28 4.21
C ASP B 191 13.85 0.25 2.79
N LYS B 192 13.12 1.33 2.49
CA LYS B 192 13.03 1.81 1.12
C LYS B 192 14.19 2.76 0.69
N SER B 193 15.32 2.71 1.41
CA SER B 193 16.40 3.67 1.12
C SER B 193 16.87 3.56 -0.31
N TYR B 194 16.92 2.34 -0.86
N TYR B 194 16.92 2.31 -0.83
N TYR B 194 16.94 2.33 -0.85
CA TYR B 194 17.46 2.19 -2.21
CA TYR B 194 17.40 2.08 -2.20
CA TYR B 194 17.43 2.15 -2.20
C TYR B 194 16.50 2.79 -3.23
C TYR B 194 16.50 2.80 -3.19
C TYR B 194 16.50 2.82 -3.19
N TYR B 195 15.19 2.59 -3.03
CA TYR B 195 14.21 3.19 -3.90
C TYR B 195 14.27 4.71 -3.77
N LEU B 196 14.40 5.23 -2.55
CA LEU B 196 14.47 6.69 -2.35
C LEU B 196 15.72 7.24 -3.00
N ASN B 197 16.88 6.73 -2.57
CA ASN B 197 18.16 7.37 -2.84
C ASN B 197 18.70 7.05 -4.21
N THR B 198 18.76 5.79 -4.60
CA THR B 198 19.26 5.51 -5.95
C THR B 198 18.21 5.68 -7.05
N VAL B 199 17.04 5.07 -6.90
CA VAL B 199 16.09 5.06 -8.00
C VAL B 199 15.49 6.46 -8.20
N MET B 200 14.92 7.01 -7.14
CA MET B 200 14.16 8.25 -7.29
C MET B 200 15.07 9.47 -7.26
N LEU B 201 15.86 9.61 -6.18
CA LEU B 201 16.71 10.80 -6.06
C LEU B 201 17.81 10.81 -7.12
N GLN B 202 18.66 9.79 -7.12
N GLN B 202 18.67 9.81 -7.11
CA GLN B 202 19.76 9.80 -8.08
CA GLN B 202 19.75 9.82 -8.09
C GLN B 202 19.26 9.58 -9.52
C GLN B 202 19.24 9.61 -9.52
N GLY B 203 18.29 8.69 -9.71
CA GLY B 203 17.90 8.31 -11.06
C GLY B 203 16.89 9.19 -11.77
N ILE B 204 15.84 9.62 -11.05
CA ILE B 204 14.64 10.23 -11.66
C ILE B 204 14.58 11.73 -11.36
N PHE B 205 14.62 12.09 -10.10
CA PHE B 205 14.53 13.50 -9.74
C PHE B 205 15.86 14.24 -9.86
N LYS B 206 16.99 13.52 -9.75
CA LYS B 206 18.34 14.07 -9.82
C LYS B 206 18.81 14.69 -8.51
N ASN B 207 17.92 15.35 -7.77
CA ASN B 207 18.30 15.97 -6.51
C ASN B 207 17.06 16.08 -5.63
N SER B 208 17.28 16.40 -4.34
CA SER B 208 16.17 16.45 -3.41
C SER B 208 15.29 17.67 -3.62
N SER B 209 15.84 18.73 -4.22
CA SER B 209 15.04 19.92 -4.48
C SER B 209 13.91 19.63 -5.47
N ASN B 210 14.21 18.91 -6.55
CA ASN B 210 13.15 18.55 -7.49
C ASN B 210 12.13 17.59 -6.85
N TYR B 211 12.61 16.60 -6.09
CA TYR B 211 11.70 15.77 -5.25
C TYR B 211 10.79 16.65 -4.39
N PHE B 212 11.38 17.54 -3.58
CA PHE B 212 10.57 18.35 -2.71
C PHE B 212 9.64 19.26 -3.50
N GLY B 213 10.06 19.72 -4.68
CA GLY B 213 9.16 20.51 -5.52
C GLY B 213 7.88 19.78 -5.91
N GLU B 214 8.00 18.56 -6.42
CA GLU B 214 6.80 17.81 -6.78
C GLU B 214 5.95 17.53 -5.54
N LEU B 215 6.61 17.25 -4.41
CA LEU B 215 5.89 16.98 -3.18
C LEU B 215 5.12 18.22 -2.72
N GLN B 216 5.72 19.42 -2.90
CA GLN B 216 4.97 20.63 -2.52
C GLN B 216 3.82 20.96 -3.47
N PHE B 217 3.99 20.70 -4.75
CA PHE B 217 2.97 20.96 -5.75
C PHE B 217 1.81 19.99 -5.61
N ALA B 218 2.10 18.72 -5.34
CA ALA B 218 1.02 17.81 -5.07
C ALA B 218 0.17 18.29 -3.89
N PHE B 219 0.84 18.68 -2.78
CA PHE B 219 0.08 19.18 -1.65
C PHE B 219 -0.83 20.32 -2.10
N LEU B 220 -0.19 21.33 -2.73
CA LEU B 220 -0.98 22.51 -3.08
C LEU B 220 -2.16 22.14 -3.97
N ASN B 221 -2.01 21.21 -4.89
CA ASN B 221 -3.15 20.86 -5.72
CA ASN B 221 -3.14 20.82 -5.72
C ASN B 221 -4.20 20.10 -4.90
N ALA B 222 -3.77 19.26 -3.95
CA ALA B 222 -4.76 18.63 -3.07
C ALA B 222 -5.52 19.67 -2.23
N MET B 223 -4.81 20.70 -1.71
CA MET B 223 -5.44 21.70 -0.82
C MET B 223 -6.33 22.67 -1.59
N PHE B 224 -5.83 23.18 -2.67
CA PHE B 224 -6.60 24.22 -3.34
C PHE B 224 -7.69 23.66 -4.24
N PHE B 225 -7.54 22.45 -4.81
CA PHE B 225 -8.55 21.93 -5.72
C PHE B 225 -9.21 20.69 -5.16
N GLY B 226 -8.79 20.18 -4.01
CA GLY B 226 -9.34 18.94 -3.50
C GLY B 226 -9.07 17.80 -4.45
N ASN B 227 -7.91 17.86 -5.10
CA ASN B 227 -7.57 16.91 -6.15
C ASN B 227 -7.08 15.63 -5.49
N TYR B 228 -7.89 14.55 -5.57
CA TYR B 228 -7.60 13.34 -4.80
C TYR B 228 -6.28 12.69 -5.17
N GLY B 229 -5.95 12.60 -6.47
CA GLY B 229 -4.72 11.92 -6.89
C GLY B 229 -3.49 12.71 -6.52
N SER B 230 -3.64 14.01 -6.38
CA SER B 230 -2.53 14.78 -5.86
C SER B 230 -2.30 14.51 -4.36
N SER B 231 -3.38 14.40 -3.60
CA SER B 231 -3.24 13.97 -2.22
C SER B 231 -2.56 12.61 -2.12
N LEU B 232 -2.97 11.64 -2.94
CA LEU B 232 -2.27 10.35 -2.94
C LEU B 232 -0.76 10.50 -3.16
N GLN B 233 -0.36 11.38 -4.10
CA GLN B 233 1.03 11.53 -4.45
C GLN B 233 1.81 12.21 -3.33
N TRP B 234 1.23 13.24 -2.71
CA TRP B 234 1.84 13.89 -1.53
C TRP B 234 2.11 12.84 -0.42
N HIS B 235 1.09 12.06 -0.03
CA HIS B 235 1.33 11.10 1.04
C HIS B 235 2.33 10.05 0.63
N ALA B 236 2.35 9.72 -0.66
CA ALA B 236 3.30 8.69 -1.05
C ALA B 236 4.72 9.20 -0.96
N MET B 237 4.96 10.44 -1.35
CA MET B 237 6.35 10.94 -1.30
C MET B 237 6.85 11.16 0.12
N ILE B 238 5.94 11.51 1.03
CA ILE B 238 6.23 11.55 2.46
C ILE B 238 6.57 10.14 2.92
N GLU B 239 5.69 9.20 2.59
CA GLU B 239 5.85 7.86 3.13
C GLU B 239 7.15 7.23 2.67
N LEU B 240 7.56 7.48 1.42
CA LEU B 240 8.84 6.94 0.94
C LEU B 240 10.01 7.46 1.73
N ILE B 241 10.00 8.72 2.14
CA ILE B 241 11.09 9.21 2.97
C ILE B 241 11.06 8.60 4.37
N CYS B 242 9.90 8.60 5.03
CA CYS B 242 9.76 8.12 6.40
C CYS B 242 10.06 6.63 6.46
N SER B 243 9.87 5.94 5.33
CA SER B 243 10.05 4.48 5.33
C SER B 243 11.44 4.06 4.91
N SER B 244 12.34 5.00 4.80
CA SER B 244 13.72 4.78 4.41
C SER B 244 14.59 5.00 5.64
N ALA B 245 15.44 4.00 6.01
CA ALA B 245 16.29 4.10 7.19
C ALA B 245 17.43 5.04 6.95
N THR B 246 17.78 5.27 5.69
CA THR B 246 18.97 6.07 5.35
C THR B 246 18.55 7.24 4.49
N VAL B 247 18.57 8.43 5.07
CA VAL B 247 18.07 9.62 4.38
C VAL B 247 19.08 10.72 4.73
N PRO B 248 19.62 11.45 3.75
CA PRO B 248 20.48 12.58 4.10
C PRO B 248 19.85 13.48 5.16
N LYS B 249 20.69 13.89 6.11
CA LYS B 249 20.21 14.61 7.27
C LYS B 249 19.58 15.94 6.86
N HIS B 250 20.14 16.62 5.85
CA HIS B 250 19.58 17.87 5.37
C HIS B 250 18.19 17.67 4.77
N MET B 251 17.93 16.49 4.25
CA MET B 251 16.62 16.27 3.67
C MET B 251 15.56 16.08 4.77
N LEU B 252 15.93 15.41 5.86
CA LEU B 252 14.99 15.23 6.96
C LEU B 252 14.66 16.58 7.57
N ASP B 253 15.67 17.39 7.76
CA ASP B 253 15.45 18.72 8.32
C ASP B 253 14.54 19.55 7.42
N LYS B 254 14.78 19.54 6.11
CA LYS B 254 13.91 20.31 5.22
C LYS B 254 12.50 19.73 5.16
N LEU B 255 12.40 18.41 5.12
CA LEU B 255 11.07 17.79 5.12
C LEU B 255 10.27 18.21 6.32
N ASP B 256 10.92 18.28 7.51
CA ASP B 256 10.20 18.70 8.71
C ASP B 256 9.70 20.14 8.55
N GLU B 257 10.50 21.01 7.96
CA GLU B 257 9.99 22.37 7.75
C GLU B 257 8.87 22.38 6.70
N ILE B 258 9.04 21.62 5.62
CA ILE B 258 8.01 21.57 4.56
C ILE B 258 6.66 21.19 5.14
N LEU B 259 6.62 20.04 5.80
CA LEU B 259 5.38 19.48 6.31
C LEU B 259 4.78 20.38 7.36
N TYR B 260 5.64 20.97 8.20
CA TYR B 260 5.17 21.89 9.23
C TYR B 260 4.31 22.99 8.62
N TYR B 261 4.85 23.70 7.62
CA TYR B 261 4.08 24.76 7.00
C TYR B 261 2.84 24.25 6.25
N GLN B 262 2.87 23.05 5.66
CA GLN B 262 1.66 22.49 5.04
C GLN B 262 0.60 22.19 6.07
N ILE B 263 0.99 21.54 7.16
CA ILE B 263 0.03 21.27 8.22
C ILE B 263 -0.46 22.58 8.81
N LYS B 264 0.41 23.58 8.96
CA LYS B 264 -0.06 24.86 9.54
C LYS B 264 -1.11 25.52 8.69
N THR B 265 -0.98 25.42 7.37
CA THR B 265 -1.84 26.13 6.41
C THR B 265 -3.12 25.38 6.05
N LEU B 266 -3.16 24.07 6.26
CA LEU B 266 -4.35 23.30 5.99
C LEU B 266 -5.55 23.86 6.75
N PRO B 267 -6.69 24.05 6.11
CA PRO B 267 -7.93 24.37 6.84
C PRO B 267 -8.24 23.29 7.85
N GLU B 268 -8.52 23.70 9.09
CA GLU B 268 -8.84 22.73 10.14
C GLU B 268 -10.00 21.82 9.74
N GLN B 269 -10.94 22.34 8.95
CA GLN B 269 -12.16 21.63 8.60
C GLN B 269 -11.95 20.62 7.47
N TYR B 270 -10.83 20.69 6.76
CA TYR B 270 -10.56 19.79 5.65
C TYR B 270 -9.59 18.69 6.04
N SER B 271 -9.12 18.71 7.29
CA SER B 271 -8.17 17.68 7.72
C SER B 271 -8.78 16.28 7.59
N ASP B 272 -10.08 16.15 7.83
CA ASP B 272 -10.70 14.83 7.78
C ASP B 272 -10.49 14.17 6.43
N ILE B 273 -10.49 14.94 5.34
CA ILE B 273 -10.40 14.35 4.00
C ILE B 273 -9.01 14.49 3.37
N LEU B 274 -8.18 15.41 3.84
CA LEU B 274 -6.87 15.64 3.24
C LEU B 274 -5.73 14.91 3.94
N LEU B 275 -5.97 14.29 5.09
CA LEU B 275 -4.89 13.67 5.83
C LEU B 275 -5.18 12.19 5.96
N ASN B 276 -4.21 11.38 5.58
CA ASN B 276 -4.33 9.93 5.64
C ASN B 276 -3.83 9.43 6.98
N GLU B 277 -4.77 9.11 7.87
CA GLU B 277 -4.44 8.51 9.16
C GLU B 277 -3.27 7.54 9.10
N ARG B 278 -3.33 6.56 8.21
CA ARG B 278 -2.31 5.51 8.24
C ARG B 278 -0.91 6.06 7.98
N VAL B 279 -0.78 6.84 6.91
CA VAL B 279 0.53 7.37 6.57
C VAL B 279 1.07 8.21 7.71
N TRP B 280 0.22 9.07 8.27
CA TRP B 280 0.71 10.02 9.28
C TRP B 280 1.10 9.29 10.56
N ASN B 281 0.26 8.36 11.03
CA ASN B 281 0.60 7.63 12.24
C ASN B 281 1.84 6.77 12.02
N ILE B 282 1.99 6.21 10.82
CA ILE B 282 3.19 5.42 10.52
C ILE B 282 4.42 6.31 10.52
N CYS B 283 4.34 7.44 9.82
CA CYS B 283 5.50 8.30 9.69
C CYS B 283 5.93 8.86 11.04
N LEU B 284 4.98 9.31 11.86
CA LEU B 284 5.33 10.00 13.10
C LEU B 284 5.66 9.04 14.23
N TYR B 285 5.21 7.79 14.16
CA TYR B 285 5.22 6.94 15.33
C TYR B 285 5.79 5.55 15.11
N SER B 286 5.96 5.11 13.88
CA SER B 286 6.43 3.75 13.62
C SER B 286 7.66 3.70 12.74
N SER B 287 7.83 4.70 11.88
CA SER B 287 8.76 4.59 10.79
C SER B 287 10.16 4.87 11.28
N PHE B 288 11.12 4.65 10.38
CA PHE B 288 12.50 4.95 10.71
C PHE B 288 12.63 6.38 11.16
N GLN B 289 11.82 7.27 10.62
CA GLN B 289 12.00 8.69 10.87
C GLN B 289 11.04 9.24 11.92
N LYS B 290 10.49 8.35 12.76
CA LYS B 290 9.51 8.72 13.77
C LYS B 290 10.05 9.77 14.75
N ASN B 291 11.36 9.97 14.81
CA ASN B 291 11.95 10.90 15.76
C ASN B 291 12.66 12.04 15.05
N SER B 292 12.53 12.17 13.73
CA SER B 292 13.26 13.17 12.97
C SER B 292 12.40 14.36 12.54
N LEU B 293 11.11 14.35 12.88
CA LEU B 293 10.17 15.35 12.35
C LEU B 293 9.63 16.12 13.54
N HIS B 294 10.47 16.76 14.30
CA HIS B 294 9.98 17.28 15.56
C HIS B 294 8.92 18.39 15.37
N ASN B 295 9.16 19.30 14.45
CA ASN B 295 8.19 20.39 14.25
C ASN B 295 6.88 19.84 13.71
N THR B 296 6.96 18.89 12.79
CA THR B 296 5.73 18.35 12.20
C THR B 296 4.96 17.56 13.25
N GLU B 297 5.66 16.73 14.02
CA GLU B 297 4.95 15.98 15.06
C GLU B 297 4.33 16.93 16.09
N LYS B 298 5.03 18.02 16.46
CA LYS B 298 4.49 18.95 17.46
C LYS B 298 3.23 19.65 16.95
N ILE B 299 3.22 20.11 15.70
CA ILE B 299 2.00 20.81 15.25
C ILE B 299 0.88 19.83 15.00
N MET B 300 1.19 18.62 14.53
CA MET B 300 0.13 17.65 14.32
C MET B 300 -0.57 17.26 15.61
N GLU B 301 0.19 16.93 16.66
CA GLU B 301 -0.37 16.60 17.95
C GLU B 301 -1.18 17.74 18.56
N ASN B 302 -0.82 19.00 18.28
CA ASN B 302 -1.59 20.07 18.90
C ASN B 302 -2.79 20.49 18.06
N LYS B 303 -2.73 20.28 16.76
CA LYS B 303 -3.80 20.72 15.87
C LYS B 303 -4.74 19.59 15.50
N TYR B 304 -4.24 18.38 15.28
CA TYR B 304 -5.07 17.25 14.82
C TYR B 304 -4.84 16.02 15.67
N PRO B 305 -4.94 16.15 17.00
CA PRO B 305 -4.73 14.96 17.85
C PRO B 305 -5.77 13.88 17.61
N GLU B 306 -6.90 14.21 17.01
CA GLU B 306 -7.91 13.21 16.75
C GLU B 306 -7.40 12.17 15.76
N LEU B 307 -6.82 12.65 14.65
CA LEU B 307 -6.30 11.77 13.61
C LEU B 307 -5.30 10.77 14.17
N LEU B 308 -4.63 11.11 15.27
CA LEU B 308 -3.57 10.28 15.81
C LEU B 308 -4.11 9.43 16.98
N1 VXF C . 11.30 -11.86 -6.90
C7 VXF C . 12.63 -10.09 -13.86
C8 VXF C . 14.64 -9.12 -13.24
N2 VXF C . 12.87 -9.31 -11.58
C9 VXF C . 13.77 -8.35 -12.22
C1 VXF C . 12.69 -7.95 -8.34
C5 VXF C . 10.47 -10.80 -7.65
C6 VXF C . 12.57 -10.50 -12.37
C4 VXF C . 11.38 -9.88 -8.36
C3 VXF C . 11.71 -10.10 -9.63
C2 VXF C . 12.56 -9.19 -10.25
C VXF C . 11.85 -8.82 -7.67
N VXF C . 13.06 -8.11 -9.58
O VXF C . 13.86 -9.59 -14.28
#